data_8VXX
#
_entry.id   8VXX
#
_cell.length_a   37.043
_cell.length_b   180.104
_cell.length_c   108.155
_cell.angle_alpha   90.000
_cell.angle_beta   90.000
_cell.angle_gamma   90.000
#
_symmetry.space_group_name_H-M   'C 2 2 21'
#
loop_
_entity.id
_entity.type
_entity.pdbx_description
1 polymer 'Chains: A,B,C'
2 non-polymer 'POTASSIUM ION'
3 non-polymer 3-[2-({[(6P)-2-fluoro-6-(1H-pyrazol-1-yl)phenyl]methyl}amino)-2-oxoethyl]-2-[(E)-(1-methylquinolin-4(1H)-ylidene)methyl]-1,3-benzothiazol-3-ium
4 water water
#
_entity_poly.entity_id   1
_entity_poly.type   'polyribonucleotide'
_entity_poly.pdbx_seq_one_letter_code
;GCGUACGAAGGAGAGGAGAGGAAGAGGAGAGUACGC
;
_entity_poly.pdbx_strand_id   A,B,C
#
loop_
_chem_comp.id
_chem_comp.type
_chem_comp.name
_chem_comp.formula
A RNA linking ADENOSINE-5'-MONOPHOSPHATE 'C10 H14 N5 O7 P'
A1AEC non-polymer 3-[2-({[(6P)-2-fluoro-6-(1H-pyrazol-1-yl)phenyl]methyl}amino)-2-oxoethyl]-2-[(E)-(1-methylquinolin-4(1H)-ylidene)methyl]-1,3-benzothiazol-3-ium 'C30 H25 F N5 O S 1'
C RNA linking CYTIDINE-5'-MONOPHOSPHATE 'C9 H14 N3 O8 P'
G RNA linking GUANOSINE-5'-MONOPHOSPHATE 'C10 H14 N5 O8 P'
K non-polymer 'POTASSIUM ION' 'K 1'
U RNA linking URIDINE-5'-MONOPHOSPHATE 'C9 H13 N2 O9 P'
#
# COMPACT_ATOMS: atom_id res chain seq x y z
K K D . 1.65 -13.83 12.10
K K E . 3.82 -13.15 14.62
K K F . -0.36 -14.75 9.29
N1 A1AEC G . -2.52 -22.34 6.19
N2 A1AEC G . -1.54 -16.21 4.02
N3 A1AEC G . -4.04 -15.60 6.44
N4 A1AEC G . -5.67 -12.38 5.77
C5 A1AEC G . -2.25 -18.28 5.10
C6 A1AEC G . -1.38 -17.53 4.31
C7 A1AEC G . 0.46 -16.64 2.88
C8 A1AEC G . 1.55 -16.30 2.09
C9 A1AEC G . 1.65 -15.00 1.66
C10 A1AEC G . 0.68 -14.06 2.01
C11 A1AEC G . -0.40 -14.37 2.79
C12 A1AEC G . -0.52 -15.68 3.23
C13 A1AEC G . -2.68 -15.41 4.47
C14 A1AEC G . -2.81 -15.40 5.97
C15 A1AEC G . -5.26 -15.34 5.67
C16 A1AEC G . -6.30 -14.67 6.53
C17 A1AEC G . -7.12 -15.45 7.32
C18 A1AEC G . -8.09 -14.93 8.13
C20 A1AEC G . -7.46 -12.74 7.36
C21 A1AEC G . -6.46 -13.27 6.57
C22 A1AEC G . -4.36 -12.46 5.34
C23 A1AEC G . -4.10 -11.33 4.62
C24 A1AEC G . -5.30 -10.60 4.64
C26 A1AEC G . -4.15 -19.15 7.06
C27 A1AEC G . -5.07 -19.57 7.98
C28 A1AEC G . -5.16 -20.93 8.31
C29 A1AEC G . -4.33 -21.84 7.73
C1 A1AEC G . -2.67 -23.79 6.48
C19 A1AEC G . -8.26 -13.55 8.15
C2 A1AEC G . -1.57 -21.94 5.35
C25 A1AEC G . -3.28 -20.06 6.44
C3 A1AEC G . -1.43 -20.63 4.99
C30 A1AEC G . -3.37 -21.43 6.79
C4 A1AEC G . -2.30 -19.67 5.49
F1 A1AEC G . -6.96 -16.79 7.31
N5 A1AEC G . -6.26 -11.21 5.33
O1 A1AEC G . -1.84 -15.20 6.70
S1 A1AEC G . 0.07 -18.18 3.56
K K H . 3.14 11.52 -2.36
K K I . 5.89 11.47 -0.17
N1 A1AEC J . 12.07 7.34 0.25
N2 A1AEC J . 11.51 13.04 1.71
N3 A1AEC J . 9.01 10.85 3.24
C5 A1AEC J . 13.04 11.42 0.59
C6 A1AEC J . 12.33 12.63 0.70
C7 A1AEC J . 11.74 15.01 0.48
C8 A1AEC J . 11.58 16.39 0.26
C9 A1AEC J . 10.92 17.12 1.21
C10 A1AEC J . 10.44 16.51 2.38
C11 A1AEC J . 10.59 15.17 2.61
C12 A1AEC J . 11.25 14.41 1.65
C13 A1AEC J . 10.96 12.18 2.75
C14 A1AEC J . 9.58 11.71 2.40
C15 A1AEC J . 9.68 10.33 4.41
C16 A1AEC J . 8.82 9.32 5.13
C17 A1AEC J . 8.82 7.99 4.75
C18 A1AEC J . 8.06 7.04 5.38
C20 A1AEC J . 7.20 8.76 6.81
C21 A1AEC J . 7.99 9.71 6.18
C26 A1AEC J . 13.81 9.90 -1.75
C27 A1AEC J . 14.22 9.16 -2.82
C28 A1AEC J . 13.93 7.80 -2.87
C29 A1AEC J . 13.22 7.19 -1.87
C1 A1AEC J . 11.86 5.88 0.26
C19 A1AEC J . 7.24 7.44 6.41
C2 A1AEC J . 11.53 8.08 1.23
C25 A1AEC J . 13.07 9.32 -0.70
C3 A1AEC J . 11.76 9.43 1.33
C30 A1AEC J . 12.78 7.94 -0.77
C4 A1AEC J . 12.61 10.05 0.44
F1 A1AEC J . 9.63 7.60 3.74
O1 A1AEC J . 9.02 12.10 1.37
S1 A1AEC J . 12.51 13.85 -0.53
K K K . -1.91 11.59 -6.19
K K L . -4.95 11.21 -8.29
K K M . 0.39 11.48 -4.39
N1 A1AEC N . -10.74 14.33 -9.51
N2 A1AEC N . -8.87 8.40 -11.53
N3 A1AEC N . -8.99 9.34 -14.28
C5 A1AEC N . -9.32 10.80 -11.31
C6 A1AEC N . -9.58 9.44 -11.03
C7 A1AEC N . -10.43 7.24 -10.26
C8 A1AEC N . -11.04 6.09 -9.75
C9 A1AEC N . -10.51 4.88 -10.12
C10 A1AEC N . -9.42 4.79 -10.98
C11 A1AEC N . -8.82 5.91 -11.49
C12 A1AEC N . -9.34 7.15 -11.12
C13 A1AEC N . -7.71 8.58 -12.41
C14 A1AEC N . -8.07 8.47 -13.86
C26 A1AEC N . -8.88 13.37 -12.56
C27 A1AEC N . -8.70 14.60 -13.15
C28 A1AEC N . -9.19 15.75 -12.52
C29 A1AEC N . -9.85 15.68 -11.33
C1 A1AEC N . -11.26 15.55 -8.85
C2 A1AEC N . -10.93 13.16 -8.93
C25 A1AEC N . -9.57 13.25 -11.33
C3 A1AEC N . -10.48 11.98 -9.48
C30 A1AEC N . -10.06 14.43 -10.72
C4 A1AEC N . -9.80 11.99 -10.69
O1 A1AEC N . -7.53 7.64 -14.60
S1 A1AEC N . -10.86 8.89 -9.98
#